data_7MNP
#
_entry.id   7MNP
#
_cell.length_a   60.230
_cell.length_b   79.840
_cell.length_c   108.750
_cell.angle_alpha   90.000
_cell.angle_beta   90.000
_cell.angle_gamma   90.000
#
_symmetry.space_group_name_H-M   'P 21 21 21'
#
loop_
_entity.id
_entity.type
_entity.pdbx_description
1 polymer 'GTP-binding nuclear protein Ran'
2 polymer 'E3 SUMO-protein ligase RanBP2'
3 non-polymer "GUANOSINE-5'-DIPHOSPHATE"
4 non-polymer 'MAGNESIUM ION'
5 non-polymer 'ZINC ION'
6 water water
#
loop_
_entity_poly.entity_id
_entity_poly.type
_entity_poly.pdbx_seq_one_letter_code
_entity_poly.pdbx_strand_id
1 'polypeptide(L)'
;SMAAQGEPQVQFKLVLVGDGGTGKTTFVKRHLTGESEKKYVATLGVEVHPLVFHTNRGPIKFNVWDTAGQEKFGGLRDGY
YIQAQCAIIMFDVTSRVTYKNVPNWHRDLVRVCENIPIVLCGNKVDIKDRKVKAKSIVFHRKKNLQYYDISAKSNYNFEK
PFLWLARKLIGDPNLEFVAMPALAPPEVVMDPALAAQYEHDLEVAQTTALPDEDDDL
;
A,C
2 'polypeptide(L)' GPLGSRFALVTPKKEGHWDCSICLVRNEPTVSRCIACQNTKS B,D
#
loop_
_chem_comp.id
_chem_comp.type
_chem_comp.name
_chem_comp.formula
GDP RNA linking GUANOSINE-5'-DIPHOSPHATE 'C10 H15 N5 O11 P2'
MG non-polymer 'MAGNESIUM ION' 'Mg 2'
ZN non-polymer 'ZINC ION' 'Zn 2'
#
# COMPACT_ATOMS: atom_id res chain seq x y z
N PRO A 8 0.57 14.36 -16.90
CA PRO A 8 1.12 14.11 -15.57
C PRO A 8 0.05 14.24 -14.48
N GLN A 9 -0.82 13.24 -14.37
CA GLN A 9 -2.00 13.31 -13.54
C GLN A 9 -2.11 12.08 -12.64
N VAL A 10 -2.72 12.28 -11.48
CA VAL A 10 -2.90 11.20 -10.51
C VAL A 10 -3.95 10.22 -11.03
N GLN A 11 -3.58 8.94 -11.10
CA GLN A 11 -4.50 7.93 -11.60
C GLN A 11 -4.19 6.59 -10.96
N PHE A 12 -5.22 5.73 -10.94
CA PHE A 12 -5.15 4.40 -10.35
C PHE A 12 -5.82 3.39 -11.26
N LYS A 13 -5.19 2.23 -11.42
CA LYS A 13 -5.84 1.11 -12.10
C LYS A 13 -6.81 0.45 -11.12
N LEU A 14 -8.08 0.38 -11.50
CA LEU A 14 -9.12 -0.26 -10.72
C LEU A 14 -9.69 -1.41 -11.54
N VAL A 15 -9.66 -2.62 -11.00
CA VAL A 15 -10.20 -3.79 -11.67
C VAL A 15 -11.60 -4.05 -11.14
N LEU A 16 -12.53 -4.27 -12.06
CA LEU A 16 -13.94 -4.48 -11.75
C LEU A 16 -14.27 -5.93 -12.07
N VAL A 17 -14.47 -6.74 -11.02
CA VAL A 17 -14.64 -8.17 -11.19
C VAL A 17 -15.91 -8.63 -10.49
N GLY A 18 -16.35 -9.83 -10.85
CA GLY A 18 -17.60 -10.38 -10.40
C GLY A 18 -18.20 -11.27 -11.47
N ASP A 19 -19.20 -12.06 -11.05
CA ASP A 19 -19.84 -12.97 -11.98
C ASP A 19 -20.44 -12.21 -13.15
N GLY A 20 -20.50 -12.88 -14.30
CA GLY A 20 -21.20 -12.30 -15.44
C GLY A 20 -22.66 -12.04 -15.09
N GLY A 21 -23.20 -10.95 -15.61
CA GLY A 21 -24.57 -10.59 -15.39
C GLY A 21 -24.86 -9.82 -14.12
N THR A 22 -23.83 -9.45 -13.36
CA THR A 22 -24.04 -8.72 -12.12
C THR A 22 -24.17 -7.21 -12.32
N GLY A 23 -23.85 -6.70 -13.51
CA GLY A 23 -23.98 -5.30 -13.82
C GLY A 23 -22.69 -4.50 -13.89
N LYS A 24 -21.55 -5.16 -14.09
CA LYS A 24 -20.27 -4.45 -14.09
C LYS A 24 -20.19 -3.45 -15.22
N THR A 25 -20.55 -3.88 -16.44
CA THR A 25 -20.49 -2.98 -17.58
C THR A 25 -21.50 -1.85 -17.45
N THR A 26 -22.74 -2.18 -17.04
CA THR A 26 -23.74 -1.14 -16.83
C THR A 26 -23.26 -0.12 -15.82
N PHE A 27 -22.56 -0.57 -14.78
CA PHE A 27 -22.11 0.32 -13.71
C PHE A 27 -21.04 1.28 -14.21
N VAL A 28 -19.97 0.76 -14.79
CA VAL A 28 -18.87 1.63 -15.23
C VAL A 28 -19.36 2.61 -16.29
N LYS A 29 -20.34 2.22 -17.09
CA LYS A 29 -20.83 3.04 -18.18
C LYS A 29 -21.62 4.27 -17.72
N ARG A 30 -22.02 4.34 -16.45
CA ARG A 30 -22.78 5.50 -16.01
C ARG A 30 -21.96 6.79 -16.15
N HIS A 31 -20.64 6.69 -16.02
CA HIS A 31 -19.74 7.84 -16.09
C HIS A 31 -19.57 8.21 -17.56
N LEU A 32 -20.18 9.32 -17.97
CA LEU A 32 -20.29 9.62 -19.40
C LEU A 32 -18.93 9.85 -20.04
N THR A 33 -18.06 10.61 -19.39
CA THR A 33 -16.76 10.90 -19.98
C THR A 33 -15.88 9.65 -19.98
N GLY A 34 -16.00 8.80 -18.96
CA GLY A 34 -15.27 7.54 -18.99
C GLY A 34 -15.68 6.65 -20.14
N GLU A 35 -16.94 6.76 -20.58
CA GLU A 35 -17.41 5.99 -21.72
C GLU A 35 -16.91 6.58 -23.03
N SER A 36 -16.98 7.90 -23.19
CA SER A 36 -16.57 8.52 -24.45
C SER A 36 -15.06 8.42 -24.66
N GLU A 37 -14.29 8.34 -23.57
CA GLU A 37 -12.83 8.29 -23.65
C GLU A 37 -12.28 6.91 -23.30
N LYS A 38 -13.10 5.88 -23.39
CA LYS A 38 -12.66 4.53 -23.06
C LYS A 38 -11.67 4.02 -24.10
N LYS A 39 -10.85 3.06 -23.67
CA LYS A 39 -9.77 2.52 -24.49
C LYS A 39 -9.89 1.01 -24.53
N TYR A 40 -9.87 0.43 -25.72
CA TYR A 40 -9.98 -1.01 -25.89
C TYR A 40 -8.59 -1.63 -25.94
N VAL A 41 -8.39 -2.68 -25.15
CA VAL A 41 -7.13 -3.40 -25.06
C VAL A 41 -7.35 -4.75 -25.74
N ALA A 42 -6.90 -4.86 -26.99
CA ALA A 42 -7.25 -6.03 -27.81
C ALA A 42 -6.56 -7.30 -27.32
N THR A 43 -5.34 -7.18 -26.77
CA THR A 43 -4.63 -8.38 -26.34
C THR A 43 -5.36 -9.08 -25.20
N LEU A 44 -5.96 -8.31 -24.29
CA LEU A 44 -6.63 -8.88 -23.13
C LEU A 44 -8.14 -8.89 -23.23
N GLY A 45 -8.71 -8.20 -24.22
CA GLY A 45 -10.16 -8.11 -24.30
C GLY A 45 -10.74 -7.30 -23.16
N VAL A 46 -10.33 -6.04 -23.06
CA VAL A 46 -10.70 -5.17 -21.94
C VAL A 46 -11.00 -3.78 -22.49
N GLU A 47 -11.96 -3.11 -21.86
CA GLU A 47 -12.22 -1.69 -22.08
C GLU A 47 -11.86 -0.94 -20.81
N VAL A 48 -10.87 -0.06 -20.92
CA VAL A 48 -10.42 0.76 -19.79
C VAL A 48 -11.14 2.10 -19.83
N HIS A 49 -11.95 2.37 -18.81
CA HIS A 49 -12.71 3.62 -18.72
C HIS A 49 -11.97 4.59 -17.80
N PRO A 50 -11.46 5.71 -18.29
CA PRO A 50 -10.83 6.70 -17.38
C PRO A 50 -11.88 7.59 -16.73
N LEU A 51 -12.10 7.36 -15.44
CA LEU A 51 -13.16 8.04 -14.68
C LEU A 51 -12.53 9.12 -13.81
N VAL A 52 -12.77 10.39 -14.15
CA VAL A 52 -12.26 11.50 -13.35
C VAL A 52 -13.25 11.84 -12.25
N PHE A 53 -12.73 12.07 -11.06
CA PHE A 53 -13.47 12.58 -9.91
C PHE A 53 -12.73 13.78 -9.37
N HIS A 54 -13.47 14.85 -9.06
CA HIS A 54 -12.87 16.10 -8.61
C HIS A 54 -12.96 16.21 -7.10
N THR A 55 -11.82 16.09 -6.44
CA THR A 55 -11.74 16.12 -4.99
C THR A 55 -11.32 17.51 -4.51
N ASN A 56 -11.46 17.72 -3.19
CA ASN A 56 -11.05 18.99 -2.59
C ASN A 56 -9.55 19.23 -2.68
N ARG A 57 -8.76 18.22 -3.03
CA ARG A 57 -7.32 18.37 -3.23
C ARG A 57 -6.91 18.18 -4.68
N GLY A 58 -7.86 18.18 -5.61
CA GLY A 58 -7.56 18.07 -7.01
C GLY A 58 -8.21 16.87 -7.65
N PRO A 59 -7.99 16.69 -8.95
CA PRO A 59 -8.63 15.59 -9.67
C PRO A 59 -7.95 14.25 -9.45
N ILE A 60 -8.77 13.20 -9.43
N ILE A 60 -8.76 13.20 -9.43
CA ILE A 60 -8.30 11.82 -9.39
CA ILE A 60 -8.27 11.83 -9.41
C ILE A 60 -8.96 11.08 -10.55
C ILE A 60 -8.95 11.06 -10.54
N LYS A 61 -8.19 10.20 -11.19
CA LYS A 61 -8.71 9.38 -12.30
C LYS A 61 -8.62 7.91 -11.92
N PHE A 62 -9.76 7.22 -11.95
CA PHE A 62 -9.81 5.77 -11.81
C PHE A 62 -9.90 5.17 -13.21
N ASN A 63 -8.86 4.45 -13.61
CA ASN A 63 -8.85 3.73 -14.89
C ASN A 63 -9.46 2.35 -14.63
N VAL A 64 -10.75 2.21 -14.89
CA VAL A 64 -11.51 1.02 -14.52
C VAL A 64 -11.46 0.01 -15.64
N TRP A 65 -11.01 -1.21 -15.33
CA TRP A 65 -10.88 -2.28 -16.30
C TRP A 65 -12.17 -3.10 -16.33
N ASP A 66 -12.91 -2.99 -17.44
CA ASP A 66 -14.14 -3.74 -17.64
C ASP A 66 -13.88 -4.90 -18.60
N THR A 67 -14.33 -6.09 -18.21
CA THR A 67 -14.15 -7.26 -19.06
C THR A 67 -15.03 -7.17 -20.30
N ALA A 68 -14.78 -8.07 -21.24
CA ALA A 68 -15.66 -8.29 -22.38
C ALA A 68 -16.47 -9.57 -22.24
N GLY A 69 -16.78 -9.97 -21.00
CA GLY A 69 -17.61 -11.12 -20.74
C GLY A 69 -16.87 -12.43 -20.52
N GLN A 70 -15.54 -12.42 -20.59
CA GLN A 70 -14.79 -13.66 -20.45
C GLN A 70 -15.03 -14.34 -19.09
N GLU A 71 -15.42 -13.58 -18.07
CA GLU A 71 -15.63 -14.16 -16.76
C GLU A 71 -16.73 -15.23 -16.75
N LYS A 72 -17.60 -15.24 -17.77
CA LYS A 72 -18.68 -16.21 -17.80
C LYS A 72 -18.19 -17.63 -18.04
N PHE A 73 -16.99 -17.81 -18.58
CA PHE A 73 -16.52 -19.10 -19.04
C PHE A 73 -15.27 -19.58 -18.33
N GLY A 74 -14.65 -18.75 -17.51
CA GLY A 74 -13.50 -19.19 -16.74
C GLY A 74 -12.93 -18.03 -15.96
N GLY A 75 -11.76 -18.27 -15.36
CA GLY A 75 -11.06 -17.21 -14.69
C GLY A 75 -10.39 -16.25 -15.67
N LEU A 76 -10.03 -15.09 -15.15
CA LEU A 76 -9.38 -14.07 -15.98
C LEU A 76 -7.87 -14.26 -15.95
N ARG A 77 -7.22 -13.79 -17.01
CA ARG A 77 -5.79 -13.97 -17.16
C ARG A 77 -5.02 -12.98 -16.29
N ASP A 78 -3.77 -13.35 -15.98
CA ASP A 78 -2.94 -12.53 -15.08
C ASP A 78 -2.89 -11.08 -15.52
N GLY A 79 -2.65 -10.84 -16.82
CA GLY A 79 -2.47 -9.48 -17.29
C GLY A 79 -3.60 -8.56 -16.91
N TYR A 80 -4.82 -9.09 -16.84
CA TYR A 80 -5.96 -8.26 -16.43
C TYR A 80 -5.74 -7.67 -15.04
N TYR A 81 -5.17 -8.48 -14.12
CA TYR A 81 -4.97 -8.06 -12.75
C TYR A 81 -3.68 -7.28 -12.53
N ILE A 82 -2.70 -7.41 -13.43
CA ILE A 82 -1.36 -6.90 -13.17
C ILE A 82 -1.41 -5.40 -12.92
N GLN A 83 -0.69 -4.96 -11.88
CA GLN A 83 -0.56 -3.56 -11.49
C GLN A 83 -1.89 -2.91 -11.10
N ALA A 84 -2.89 -3.72 -10.79
CA ALA A 84 -4.10 -3.17 -10.19
C ALA A 84 -3.75 -2.55 -8.83
N GLN A 85 -4.30 -1.36 -8.58
CA GLN A 85 -4.06 -0.64 -7.34
C GLN A 85 -5.29 -0.58 -6.44
N CYS A 86 -6.45 -0.99 -6.95
CA CYS A 86 -7.67 -1.08 -6.17
C CYS A 86 -8.65 -1.94 -6.96
N ALA A 87 -9.77 -2.27 -6.33
CA ALA A 87 -10.71 -3.18 -6.97
C ALA A 87 -12.11 -2.93 -6.46
N ILE A 88 -13.08 -3.32 -7.28
CA ILE A 88 -14.48 -3.45 -6.88
C ILE A 88 -14.90 -4.87 -7.20
N ILE A 89 -15.47 -5.56 -6.22
CA ILE A 89 -16.09 -6.86 -6.42
C ILE A 89 -17.59 -6.66 -6.39
N MET A 90 -18.26 -7.05 -7.46
CA MET A 90 -19.70 -6.84 -7.61
C MET A 90 -20.43 -8.18 -7.60
N PHE A 91 -21.61 -8.19 -7.00
CA PHE A 91 -22.55 -9.29 -7.15
C PHE A 91 -23.93 -8.69 -7.34
N ASP A 92 -24.89 -9.57 -7.63
CA ASP A 92 -26.27 -9.20 -7.92
C ASP A 92 -27.13 -9.64 -6.74
N VAL A 93 -27.84 -8.68 -6.13
CA VAL A 93 -28.62 -9.00 -4.93
C VAL A 93 -29.86 -9.82 -5.24
N THR A 94 -30.17 -10.03 -6.53
CA THR A 94 -31.25 -10.91 -6.93
C THR A 94 -30.76 -12.30 -7.33
N SER A 95 -29.47 -12.59 -7.11
CA SER A 95 -28.89 -13.89 -7.46
C SER A 95 -27.92 -14.30 -6.36
N ARG A 96 -28.36 -15.23 -5.51
CA ARG A 96 -27.51 -15.65 -4.39
C ARG A 96 -26.19 -16.24 -4.88
N VAL A 97 -26.22 -16.96 -6.01
CA VAL A 97 -25.00 -17.61 -6.48
C VAL A 97 -23.91 -16.58 -6.76
N THR A 98 -24.29 -15.37 -7.18
CA THR A 98 -23.27 -14.35 -7.45
C THR A 98 -22.65 -13.86 -6.15
N TYR A 99 -23.39 -13.89 -5.04
CA TYR A 99 -22.77 -13.61 -3.76
C TYR A 99 -21.91 -14.77 -3.30
N LYS A 100 -22.37 -16.01 -3.52
CA LYS A 100 -21.60 -17.18 -3.11
C LYS A 100 -20.22 -17.20 -3.76
N ASN A 101 -20.10 -16.65 -4.97
CA ASN A 101 -18.83 -16.68 -5.68
C ASN A 101 -17.90 -15.53 -5.31
N VAL A 102 -18.35 -14.60 -4.46
CA VAL A 102 -17.49 -13.47 -4.07
C VAL A 102 -16.15 -13.95 -3.53
N PRO A 103 -16.08 -14.95 -2.64
CA PRO A 103 -14.77 -15.38 -2.12
C PRO A 103 -13.82 -15.88 -3.19
N ASN A 104 -14.34 -16.46 -4.29
CA ASN A 104 -13.47 -16.89 -5.37
C ASN A 104 -12.84 -15.71 -6.07
N TRP A 105 -13.62 -14.65 -6.32
CA TRP A 105 -13.06 -13.45 -6.93
C TRP A 105 -12.06 -12.78 -6.00
N HIS A 106 -12.38 -12.66 -4.73
CA HIS A 106 -11.43 -12.09 -3.78
C HIS A 106 -10.13 -12.87 -3.78
N ARG A 107 -10.22 -14.20 -3.75
CA ARG A 107 -9.02 -15.03 -3.75
C ARG A 107 -8.18 -14.78 -5.00
N ASP A 108 -8.82 -14.83 -6.18
CA ASP A 108 -8.09 -14.58 -7.41
C ASP A 108 -7.44 -13.21 -7.41
N LEU A 109 -8.10 -12.23 -6.79
CA LEU A 109 -7.55 -10.88 -6.71
C LEU A 109 -6.25 -10.87 -5.91
N VAL A 110 -6.33 -11.26 -4.63
CA VAL A 110 -5.18 -11.11 -3.74
C VAL A 110 -4.03 -12.02 -4.13
N ARG A 111 -4.29 -13.07 -4.92
CA ARG A 111 -3.20 -13.90 -5.42
C ARG A 111 -2.25 -13.07 -6.28
N VAL A 112 -2.80 -12.18 -7.10
CA VAL A 112 -1.98 -11.37 -8.00
C VAL A 112 -1.58 -10.05 -7.34
N CYS A 113 -2.51 -9.40 -6.63
CA CYS A 113 -2.35 -8.03 -6.19
C CYS A 113 -2.13 -7.87 -4.69
N GLU A 114 -2.35 -8.93 -3.90
CA GLU A 114 -2.16 -8.91 -2.45
C GLU A 114 -3.20 -7.96 -1.82
N ASN A 115 -2.79 -7.05 -0.94
CA ASN A 115 -3.69 -6.36 -0.03
C ASN A 115 -4.12 -4.99 -0.57
N ILE A 116 -4.48 -4.90 -1.84
CA ILE A 116 -4.97 -3.63 -2.38
C ILE A 116 -6.33 -3.36 -1.75
N PRO A 117 -6.74 -2.10 -1.61
CA PRO A 117 -8.08 -1.82 -1.09
C PRO A 117 -9.17 -2.29 -2.04
N ILE A 118 -10.20 -2.91 -1.49
CA ILE A 118 -11.28 -3.51 -2.26
C ILE A 118 -12.61 -3.06 -1.67
N VAL A 119 -13.56 -2.72 -2.54
CA VAL A 119 -14.93 -2.42 -2.14
C VAL A 119 -15.83 -3.54 -2.68
N LEU A 120 -16.73 -4.02 -1.84
CA LEU A 120 -17.73 -5.01 -2.23
C LEU A 120 -19.05 -4.29 -2.51
N CYS A 121 -19.65 -4.56 -3.67
CA CYS A 121 -20.84 -3.86 -4.11
C CYS A 121 -21.94 -4.86 -4.44
N GLY A 122 -23.09 -4.71 -3.79
CA GLY A 122 -24.27 -5.46 -4.15
C GLY A 122 -25.17 -4.65 -5.07
N ASN A 123 -25.27 -5.07 -6.32
CA ASN A 123 -25.93 -4.29 -7.36
C ASN A 123 -27.39 -4.72 -7.54
N LYS A 124 -28.16 -3.85 -8.21
CA LYS A 124 -29.54 -4.10 -8.61
C LYS A 124 -30.51 -4.00 -7.43
N VAL A 125 -30.24 -3.12 -6.46
CA VAL A 125 -31.15 -2.98 -5.33
C VAL A 125 -32.41 -2.21 -5.70
N ASP A 126 -32.51 -1.69 -6.93
CA ASP A 126 -33.77 -1.11 -7.38
C ASP A 126 -34.86 -2.15 -7.56
N ILE A 127 -34.49 -3.43 -7.68
CA ILE A 127 -35.45 -4.50 -7.88
C ILE A 127 -36.07 -4.85 -6.52
N LYS A 128 -37.40 -4.76 -6.44
CA LYS A 128 -38.09 -4.98 -5.18
C LYS A 128 -37.76 -6.34 -4.59
N ASP A 129 -37.82 -7.39 -5.43
CA ASP A 129 -37.70 -8.77 -4.95
C ASP A 129 -36.22 -9.09 -4.70
N ARG A 130 -35.73 -8.60 -3.56
CA ARG A 130 -34.33 -8.76 -3.21
C ARG A 130 -34.10 -10.10 -2.51
N LYS A 131 -33.10 -10.85 -2.98
CA LYS A 131 -32.77 -12.16 -2.44
C LYS A 131 -31.65 -12.12 -1.42
N VAL A 132 -30.61 -11.33 -1.66
CA VAL A 132 -29.45 -11.24 -0.78
C VAL A 132 -29.58 -9.95 0.03
N LYS A 133 -29.93 -10.09 1.31
CA LYS A 133 -30.24 -8.95 2.15
C LYS A 133 -29.07 -8.65 3.10
N ALA A 134 -29.16 -7.47 3.73
CA ALA A 134 -28.08 -6.98 4.57
C ALA A 134 -27.61 -8.02 5.57
N LYS A 135 -28.55 -8.77 6.14
CA LYS A 135 -28.19 -9.74 7.18
C LYS A 135 -27.26 -10.83 6.65
N SER A 136 -27.36 -11.15 5.36
CA SER A 136 -26.54 -12.19 4.76
C SER A 136 -25.19 -11.71 4.26
N ILE A 137 -24.98 -10.40 4.19
CA ILE A 137 -23.78 -9.83 3.57
C ILE A 137 -22.74 -9.63 4.67
N VAL A 138 -21.78 -10.55 4.75
CA VAL A 138 -20.83 -10.56 5.86
C VAL A 138 -19.40 -10.78 5.40
N PHE A 139 -19.21 -11.13 4.12
CA PHE A 139 -17.86 -11.44 3.65
C PHE A 139 -16.92 -10.25 3.81
N HIS A 140 -17.44 -9.03 3.71
CA HIS A 140 -16.57 -7.85 3.81
C HIS A 140 -16.07 -7.65 5.24
N ARG A 141 -16.92 -7.92 6.23
CA ARG A 141 -16.50 -7.76 7.61
C ARG A 141 -15.30 -8.63 7.95
N LYS A 142 -15.18 -9.79 7.29
CA LYS A 142 -14.13 -10.75 7.60
C LYS A 142 -12.79 -10.41 6.98
N LYS A 143 -12.74 -9.47 6.03
CA LYS A 143 -11.56 -9.31 5.18
C LYS A 143 -11.12 -7.85 5.03
N ASN A 144 -11.53 -6.97 5.93
CA ASN A 144 -11.19 -5.55 5.87
C ASN A 144 -11.61 -4.95 4.52
N LEU A 145 -12.88 -5.16 4.16
CA LEU A 145 -13.45 -4.58 2.96
C LEU A 145 -14.64 -3.70 3.33
N GLN A 146 -14.84 -2.66 2.55
CA GLN A 146 -16.04 -1.83 2.64
C GLN A 146 -17.13 -2.40 1.75
N TYR A 147 -18.39 -2.22 2.17
CA TYR A 147 -19.53 -2.66 1.38
C TYR A 147 -20.47 -1.49 1.11
N TYR A 148 -21.12 -1.54 -0.06
CA TYR A 148 -22.20 -0.62 -0.40
C TYR A 148 -23.24 -1.33 -1.24
N ASP A 149 -24.52 -1.03 -0.97
CA ASP A 149 -25.57 -1.29 -1.94
C ASP A 149 -25.42 -0.34 -3.12
N ILE A 150 -25.74 -0.84 -4.31
N ILE A 150 -25.68 -0.84 -4.33
CA ILE A 150 -25.62 -0.10 -5.56
CA ILE A 150 -25.68 0.02 -5.51
C ILE A 150 -26.80 -0.44 -6.47
C ILE A 150 -26.79 -0.41 -6.46
N SER A 151 -27.19 0.54 -7.30
CA SER A 151 -28.12 0.30 -8.40
C SER A 151 -27.55 1.07 -9.59
N ALA A 152 -26.84 0.35 -10.47
CA ALA A 152 -26.20 1.00 -11.62
C ALA A 152 -27.22 1.76 -12.45
N LYS A 153 -28.40 1.18 -12.67
CA LYS A 153 -29.36 1.77 -13.59
C LYS A 153 -30.03 3.03 -13.04
N SER A 154 -29.93 3.28 -11.74
CA SER A 154 -30.46 4.50 -11.15
C SER A 154 -29.37 5.41 -10.59
N ASN A 155 -28.10 5.06 -10.75
CA ASN A 155 -26.96 5.82 -10.24
C ASN A 155 -26.91 5.84 -8.71
N TYR A 156 -27.67 4.98 -8.04
CA TYR A 156 -27.74 5.01 -6.58
C TYR A 156 -26.39 4.61 -5.98
N ASN A 157 -25.86 5.49 -5.12
CA ASN A 157 -24.58 5.27 -4.43
C ASN A 157 -23.43 5.09 -5.42
N PHE A 158 -23.54 5.66 -6.62
CA PHE A 158 -22.50 5.46 -7.63
C PHE A 158 -21.14 5.92 -7.13
N GLU A 159 -21.08 7.06 -6.45
CA GLU A 159 -19.79 7.64 -6.10
C GLU A 159 -19.15 6.99 -4.88
N LYS A 160 -19.94 6.26 -4.08
CA LYS A 160 -19.43 5.82 -2.78
C LYS A 160 -18.25 4.86 -2.89
N PRO A 161 -18.29 3.82 -3.73
CA PRO A 161 -17.08 2.98 -3.86
C PRO A 161 -15.83 3.79 -4.19
N PHE A 162 -15.96 4.77 -5.08
CA PHE A 162 -14.80 5.53 -5.52
C PHE A 162 -14.30 6.47 -4.43
N LEU A 163 -15.22 7.07 -3.67
CA LEU A 163 -14.81 7.95 -2.59
C LEU A 163 -14.05 7.18 -1.51
N TRP A 164 -14.57 6.01 -1.11
CA TRP A 164 -13.89 5.20 -0.11
C TRP A 164 -12.50 4.80 -0.61
N LEU A 165 -12.41 4.33 -1.85
CA LEU A 165 -11.12 3.93 -2.41
C LEU A 165 -10.16 5.12 -2.44
N ALA A 166 -10.65 6.29 -2.84
CA ALA A 166 -9.78 7.46 -2.90
C ALA A 166 -9.22 7.80 -1.53
N ARG A 167 -10.05 7.75 -0.50
CA ARG A 167 -9.58 8.06 0.84
C ARG A 167 -8.51 7.07 1.29
N LYS A 168 -8.69 5.78 0.97
CA LYS A 168 -7.70 4.78 1.33
C LYS A 168 -6.39 4.99 0.57
N LEU A 169 -6.49 5.22 -0.74
CA LEU A 169 -5.29 5.32 -1.56
C LEU A 169 -4.49 6.57 -1.23
N ILE A 170 -5.17 7.68 -0.96
CA ILE A 170 -4.47 8.93 -0.64
C ILE A 170 -4.08 9.00 0.82
N GLY A 171 -4.74 8.25 1.70
CA GLY A 171 -4.48 8.35 3.12
C GLY A 171 -5.06 9.59 3.75
N ASP A 172 -6.27 9.98 3.36
CA ASP A 172 -6.91 11.20 3.84
C ASP A 172 -8.37 10.90 4.10
N PRO A 173 -8.76 10.65 5.36
CA PRO A 173 -10.17 10.33 5.64
C PRO A 173 -11.11 11.51 5.43
N ASN A 174 -10.59 12.72 5.23
CA ASN A 174 -11.42 13.90 5.01
C ASN A 174 -11.54 14.27 3.53
N LEU A 175 -10.97 13.46 2.64
CA LEU A 175 -11.13 13.72 1.21
C LEU A 175 -12.61 13.77 0.85
N GLU A 176 -12.96 14.72 -0.01
CA GLU A 176 -14.33 14.88 -0.48
C GLU A 176 -14.34 15.09 -1.99
N PHE A 177 -15.44 14.67 -2.62
CA PHE A 177 -15.72 15.05 -4.00
C PHE A 177 -16.49 16.37 -3.97
N VAL A 178 -15.97 17.38 -4.67
CA VAL A 178 -16.63 18.69 -4.65
C VAL A 178 -17.87 18.71 -5.54
N ALA A 179 -18.04 17.74 -6.42
CA ALA A 179 -19.24 17.65 -7.25
C ALA A 179 -19.33 16.24 -7.83
N MET A 180 -20.55 15.79 -8.07
CA MET A 180 -20.74 14.50 -8.71
C MET A 180 -20.29 14.56 -10.17
N PRO A 181 -19.77 13.46 -10.69
CA PRO A 181 -19.45 13.42 -12.13
C PRO A 181 -20.73 13.41 -12.95
N ALA A 182 -20.59 13.80 -14.22
CA ALA A 182 -21.71 13.78 -15.15
C ALA A 182 -22.08 12.33 -15.46
N LEU A 183 -23.28 11.93 -15.08
CA LEU A 183 -23.72 10.55 -15.19
C LEU A 183 -24.88 10.42 -16.17
N ALA A 184 -24.97 9.26 -16.80
CA ALA A 184 -26.09 8.98 -17.69
C ALA A 184 -27.40 9.09 -16.91
N PRO A 185 -28.44 9.68 -17.49
CA PRO A 185 -29.70 9.85 -16.75
C PRO A 185 -30.25 8.51 -16.30
N PRO A 186 -30.81 8.44 -15.08
CA PRO A 186 -31.31 7.17 -14.58
C PRO A 186 -32.33 6.54 -15.52
N GLU A 187 -32.21 5.23 -15.69
CA GLU A 187 -33.18 4.46 -16.46
C GLU A 187 -34.29 3.89 -15.59
N VAL A 188 -34.06 3.77 -14.29
CA VAL A 188 -35.07 3.36 -13.32
C VAL A 188 -35.00 4.30 -12.13
N VAL A 189 -36.11 4.40 -11.41
CA VAL A 189 -36.17 5.20 -10.19
C VAL A 189 -35.80 4.32 -9.00
N MET A 190 -34.93 4.82 -8.14
CA MET A 190 -34.62 4.15 -6.88
C MET A 190 -35.55 4.72 -5.81
N ASP A 191 -36.46 3.91 -5.31
CA ASP A 191 -37.44 4.37 -4.34
C ASP A 191 -36.74 4.92 -3.10
N PRO A 192 -36.91 6.20 -2.77
CA PRO A 192 -36.20 6.75 -1.60
C PRO A 192 -36.46 6.01 -0.31
N ALA A 193 -37.67 5.47 -0.12
CA ALA A 193 -37.97 4.78 1.12
C ALA A 193 -37.28 3.42 1.18
N LEU A 194 -37.29 2.68 0.07
CA LEU A 194 -36.55 1.43 0.00
C LEU A 194 -35.06 1.67 0.25
N ALA A 195 -34.53 2.76 -0.30
CA ALA A 195 -33.12 3.09 -0.07
C ALA A 195 -32.85 3.36 1.40
N ALA A 196 -33.72 4.14 2.05
CA ALA A 196 -33.55 4.41 3.47
C ALA A 196 -33.67 3.13 4.29
N GLN A 197 -34.64 2.28 3.95
CA GLN A 197 -34.79 0.99 4.62
C GLN A 197 -33.51 0.17 4.50
N TYR A 198 -32.99 0.04 3.27
CA TYR A 198 -31.78 -0.75 3.07
C TYR A 198 -30.60 -0.16 3.82
N GLU A 199 -30.44 1.16 3.77
CA GLU A 199 -29.36 1.80 4.53
C GLU A 199 -29.52 1.52 6.02
N HIS A 200 -30.75 1.47 6.52
CA HIS A 200 -30.98 1.10 7.90
C HIS A 200 -30.63 -0.35 8.15
N ASP A 201 -31.03 -1.25 7.24
CA ASP A 201 -30.71 -2.66 7.41
C ASP A 201 -29.21 -2.89 7.53
N LEU A 202 -28.42 -2.16 6.74
CA LEU A 202 -26.97 -2.35 6.78
C LEU A 202 -26.38 -1.83 8.08
N GLU A 203 -26.97 -0.79 8.66
CA GLU A 203 -26.45 -0.25 9.91
C GLU A 203 -26.65 -1.24 11.05
N VAL A 204 -27.86 -1.74 11.23
CA VAL A 204 -28.14 -2.64 12.35
C VAL A 204 -27.40 -3.96 12.20
N ALA A 205 -26.96 -4.30 10.98
CA ALA A 205 -26.17 -5.51 10.80
C ALA A 205 -24.70 -5.27 11.09
N GLN A 206 -24.23 -4.03 10.95
CA GLN A 206 -22.88 -3.71 11.38
C GLN A 206 -22.76 -3.76 12.90
N THR A 207 -23.83 -3.38 13.60
CA THR A 207 -23.82 -3.48 15.06
C THR A 207 -23.84 -4.93 15.51
N THR A 208 -24.66 -5.76 14.89
CA THR A 208 -24.76 -7.17 15.24
C THR A 208 -23.54 -7.93 14.72
N GLY B 4 -6.50 21.37 1.61
CA GLY B 4 -6.91 21.73 0.27
C GLY B 4 -5.74 22.19 -0.59
N SER B 5 -5.77 23.48 -0.97
CA SER B 5 -4.75 24.00 -1.89
C SER B 5 -3.34 23.76 -1.35
N ARG B 6 -3.13 23.97 -0.04
CA ARG B 6 -1.82 23.70 0.54
C ARG B 6 -1.44 22.23 0.42
N PHE B 7 -2.41 21.35 0.20
CA PHE B 7 -2.18 19.91 0.11
C PHE B 7 -2.68 19.38 -1.21
N ALA B 8 -2.53 20.17 -2.27
CA ALA B 8 -2.86 19.70 -3.61
C ALA B 8 -2.10 18.43 -3.91
N LEU B 9 -2.80 17.44 -4.45
CA LEU B 9 -2.19 16.12 -4.66
C LEU B 9 -0.95 16.24 -5.54
N VAL B 10 0.12 15.56 -5.12
CA VAL B 10 1.40 15.68 -5.78
C VAL B 10 1.36 14.95 -7.12
N THR B 11 1.79 15.62 -8.17
CA THR B 11 1.83 15.00 -9.48
C THR B 11 2.82 13.85 -9.48
N PRO B 12 2.51 12.74 -10.14
CA PRO B 12 3.52 11.67 -10.27
C PRO B 12 4.76 12.19 -10.97
N LYS B 13 5.91 12.02 -10.32
CA LYS B 13 7.20 12.40 -10.90
C LYS B 13 7.83 11.13 -11.45
N LYS B 14 7.87 11.03 -12.77
CA LYS B 14 8.21 9.80 -13.47
C LYS B 14 9.26 10.12 -14.53
N GLU B 15 10.50 9.71 -14.29
CA GLU B 15 11.62 9.94 -15.19
C GLU B 15 11.97 8.62 -15.85
N GLY B 16 11.68 8.49 -17.13
CA GLY B 16 11.83 7.24 -17.83
C GLY B 16 10.65 6.29 -17.72
N HIS B 17 9.87 6.40 -16.64
CA HIS B 17 8.62 5.66 -16.56
C HIS B 17 7.66 6.17 -17.63
N TRP B 18 6.89 5.27 -18.24
CA TRP B 18 6.00 5.61 -19.33
C TRP B 18 4.63 5.01 -19.10
N ASP B 19 3.60 5.78 -19.47
CA ASP B 19 2.22 5.31 -19.40
C ASP B 19 1.86 4.63 -20.71
N CYS B 20 1.52 3.34 -20.63
CA CYS B 20 1.14 2.59 -21.83
C CYS B 20 -0.05 3.26 -22.50
N SER B 21 0.08 3.53 -23.80
CA SER B 21 -0.97 4.21 -24.55
C SER B 21 -2.16 3.31 -24.87
N ILE B 22 -2.04 2.01 -24.66
CA ILE B 22 -3.15 1.09 -24.93
C ILE B 22 -4.02 0.91 -23.70
N CYS B 23 -3.41 0.61 -22.55
CA CYS B 23 -4.15 0.26 -21.36
C CYS B 23 -3.91 1.18 -20.17
N LEU B 24 -2.98 2.14 -20.28
CA LEU B 24 -2.73 3.21 -19.30
C LEU B 24 -1.97 2.74 -18.07
N VAL B 25 -1.44 1.52 -18.05
CA VAL B 25 -0.61 1.07 -16.93
C VAL B 25 0.74 1.77 -16.99
N ARG B 26 1.28 2.10 -15.82
CA ARG B 26 2.58 2.74 -15.71
C ARG B 26 3.67 1.67 -15.69
N ASN B 27 4.69 1.85 -16.51
CA ASN B 27 5.77 0.88 -16.64
C ASN B 27 7.11 1.52 -16.27
N GLU B 28 8.05 0.68 -15.89
CA GLU B 28 9.36 1.13 -15.46
C GLU B 28 10.21 1.54 -16.67
N PRO B 29 11.25 2.34 -16.45
CA PRO B 29 12.08 2.78 -17.59
C PRO B 29 12.76 1.63 -18.31
N THR B 30 13.09 0.55 -17.60
CA THR B 30 13.88 -0.52 -18.20
C THR B 30 13.10 -1.27 -19.27
N VAL B 31 11.83 -1.59 -19.00
CA VAL B 31 11.06 -2.42 -19.90
C VAL B 31 10.63 -1.61 -21.12
N SER B 32 10.55 -2.29 -22.27
CA SER B 32 10.03 -1.72 -23.50
C SER B 32 8.66 -2.28 -23.85
N ARG B 33 8.14 -3.20 -23.06
CA ARG B 33 6.87 -3.88 -23.32
C ARG B 33 6.03 -3.85 -22.06
N CYS B 34 4.75 -3.52 -22.22
CA CYS B 34 3.88 -3.29 -21.07
C CYS B 34 3.64 -4.59 -20.31
N ILE B 35 3.87 -4.57 -18.99
CA ILE B 35 3.78 -5.78 -18.19
C ILE B 35 2.35 -6.26 -18.01
N ALA B 36 1.35 -5.46 -18.38
CA ALA B 36 -0.05 -5.86 -18.30
C ALA B 36 -0.57 -6.39 -19.64
N CYS B 37 -0.60 -5.55 -20.67
CA CYS B 37 -1.19 -5.91 -21.94
C CYS B 37 -0.19 -6.44 -22.95
N GLN B 38 1.11 -6.37 -22.65
CA GLN B 38 2.18 -6.95 -23.47
C GLN B 38 2.34 -6.28 -24.83
N ASN B 39 1.80 -5.06 -24.99
CA ASN B 39 2.09 -4.27 -26.18
C ASN B 39 3.41 -3.52 -25.99
N THR B 40 4.13 -3.36 -27.09
CA THR B 40 5.40 -2.64 -27.03
C THR B 40 5.15 -1.14 -26.86
N LYS B 41 6.11 -0.47 -26.22
CA LYS B 41 5.98 0.94 -25.90
C LYS B 41 5.51 1.73 -27.11
N SER B 42 4.58 2.65 -26.88
CA SER B 42 4.04 3.50 -27.94
C SER B 42 3.44 4.78 -27.37
N PRO C 8 6.00 -11.09 26.39
CA PRO C 8 6.90 -10.12 27.04
C PRO C 8 8.28 -10.11 26.38
N GLN C 9 8.35 -9.59 25.16
CA GLN C 9 9.55 -9.67 24.33
C GLN C 9 9.99 -8.28 23.89
N VAL C 10 11.30 -8.14 23.67
CA VAL C 10 11.87 -6.86 23.29
C VAL C 10 11.50 -6.54 21.85
N GLN C 11 10.93 -5.37 21.63
CA GLN C 11 10.53 -4.97 20.28
C GLN C 11 10.54 -3.45 20.15
N PHE C 12 10.72 -2.99 18.91
CA PHE C 12 10.80 -1.58 18.59
C PHE C 12 9.96 -1.28 17.36
N LYS C 13 9.22 -0.17 17.40
CA LYS C 13 8.54 0.31 16.20
C LYS C 13 9.57 0.98 15.30
N LEU C 14 9.69 0.50 14.07
CA LEU C 14 10.58 1.06 13.06
C LEU C 14 9.74 1.55 11.90
N VAL C 15 9.84 2.83 11.59
CA VAL C 15 9.11 3.42 10.47
C VAL C 15 10.04 3.46 9.26
N LEU C 16 9.53 2.98 8.13
CA LEU C 16 10.28 2.88 6.89
C LEU C 16 9.69 3.88 5.91
N VAL C 17 10.40 4.97 5.66
CA VAL C 17 9.90 6.07 4.86
C VAL C 17 10.88 6.36 3.73
N GLY C 18 10.44 7.21 2.80
CA GLY C 18 11.18 7.51 1.59
C GLY C 18 10.23 7.68 0.41
N ASP C 19 10.72 8.23 -0.70
CA ASP C 19 9.87 8.46 -1.85
C ASP C 19 9.30 7.15 -2.38
N GLY C 20 8.17 7.25 -3.06
CA GLY C 20 7.61 6.09 -3.73
C GLY C 20 8.55 5.54 -4.78
N GLY C 21 8.55 4.22 -4.92
CA GLY C 21 9.38 3.57 -5.91
C GLY C 21 10.82 3.38 -5.54
N THR C 22 11.20 3.66 -4.29
CA THR C 22 12.58 3.47 -3.86
C THR C 22 12.86 2.04 -3.39
N GLY C 23 11.82 1.23 -3.21
CA GLY C 23 12.00 -0.17 -2.85
C GLY C 23 11.74 -0.49 -1.40
N LYS C 24 10.94 0.32 -0.70
CA LYS C 24 10.69 0.08 0.71
C LYS C 24 9.94 -1.24 0.93
N THR C 25 8.86 -1.44 0.18
CA THR C 25 8.09 -2.67 0.30
C THR C 25 8.93 -3.89 -0.08
N THR C 26 9.63 -3.80 -1.20
CA THR C 26 10.50 -4.90 -1.63
C THR C 26 11.52 -5.23 -0.55
N PHE C 27 12.02 -4.20 0.14
CA PHE C 27 13.06 -4.41 1.15
C PHE C 27 12.51 -5.15 2.37
N VAL C 28 11.44 -4.62 2.97
CA VAL C 28 10.90 -5.25 4.18
C VAL C 28 10.44 -6.67 3.88
N LYS C 29 9.99 -6.93 2.65
CA LYS C 29 9.45 -8.23 2.30
C LYS C 29 10.51 -9.34 2.26
N ARG C 30 11.80 -8.99 2.24
CA ARG C 30 12.82 -10.03 2.18
C ARG C 30 12.74 -10.95 3.39
N HIS C 31 12.35 -10.42 4.55
CA HIS C 31 12.26 -11.18 5.79
C HIS C 31 11.01 -12.05 5.73
N LEU C 32 11.20 -13.35 5.53
CA LEU C 32 10.07 -14.23 5.22
C LEU C 32 9.06 -14.27 6.36
N THR C 33 9.54 -14.46 7.59
CA THR C 33 8.62 -14.56 8.73
C THR C 33 7.91 -13.24 8.97
N GLY C 34 8.62 -12.11 8.80
CA GLY C 34 7.97 -10.82 8.91
C GLY C 34 6.84 -10.65 7.91
N GLU C 35 6.98 -11.26 6.73
CA GLU C 35 5.94 -11.19 5.72
C GLU C 35 4.75 -12.07 6.09
N SER C 36 5.01 -13.33 6.45
CA SER C 36 3.90 -14.24 6.77
C SER C 36 3.14 -13.77 8.00
N GLU C 37 3.80 -13.10 8.94
CA GLU C 37 3.18 -12.67 10.18
C GLU C 37 2.85 -11.18 10.19
N LYS C 38 2.79 -10.55 9.02
CA LYS C 38 2.50 -9.13 8.95
C LYS C 38 1.05 -8.85 9.35
N LYS C 39 0.82 -7.63 9.81
CA LYS C 39 -0.48 -7.21 10.31
C LYS C 39 -0.91 -5.93 9.60
N TYR C 40 -2.12 -5.94 9.05
CA TYR C 40 -2.65 -4.80 8.32
C TYR C 40 -3.38 -3.87 9.27
N VAL C 41 -3.09 -2.57 9.17
CA VAL C 41 -3.68 -1.54 10.01
C VAL C 41 -4.58 -0.70 9.12
N ALA C 42 -5.89 -1.01 9.15
CA ALA C 42 -6.82 -0.42 8.19
C ALA C 42 -6.96 1.08 8.41
N THR C 43 -6.98 1.53 9.65
CA THR C 43 -7.21 2.96 9.91
C THR C 43 -6.14 3.83 9.27
N LEU C 44 -4.89 3.36 9.23
CA LEU C 44 -3.79 4.13 8.69
C LEU C 44 -3.30 3.63 7.33
N GLY C 45 -3.81 2.50 6.86
CA GLY C 45 -3.31 1.93 5.61
C GLY C 45 -1.84 1.58 5.70
N VAL C 46 -1.52 0.64 6.60
CA VAL C 46 -0.14 0.26 6.89
C VAL C 46 -0.06 -1.25 7.07
N GLU C 47 1.08 -1.82 6.71
CA GLU C 47 1.41 -3.21 7.01
C GLU C 47 2.60 -3.23 7.97
N VAL C 48 2.37 -3.74 9.17
CA VAL C 48 3.42 -3.85 10.18
C VAL C 48 4.05 -5.23 10.07
N HIS C 49 5.34 -5.27 9.72
CA HIS C 49 6.08 -6.52 9.60
C HIS C 49 6.88 -6.78 10.85
N PRO C 50 6.60 -7.84 11.63
CA PRO C 50 7.43 -8.14 12.80
C PRO C 50 8.67 -8.94 12.40
N LEU C 51 9.82 -8.29 12.44
CA LEU C 51 11.09 -8.87 11.99
C LEU C 51 11.93 -9.24 13.21
N VAL C 52 12.08 -10.54 13.44
N VAL C 52 12.10 -10.55 13.43
CA VAL C 52 12.90 -11.01 14.56
CA VAL C 52 12.90 -11.06 14.52
C VAL C 52 14.34 -11.18 14.10
C VAL C 52 14.35 -11.16 14.08
N PHE C 53 15.27 -10.72 14.95
CA PHE C 53 16.70 -10.91 14.75
C PHE C 53 17.24 -11.50 16.04
N HIS C 54 18.08 -12.53 15.91
CA HIS C 54 18.59 -13.26 17.07
C HIS C 54 20.00 -12.74 17.37
N THR C 55 20.14 -12.05 18.49
CA THR C 55 21.40 -11.46 18.91
C THR C 55 22.08 -12.34 19.96
N ASN C 56 23.35 -12.04 20.21
CA ASN C 56 24.11 -12.77 21.21
C ASN C 56 23.55 -12.57 22.62
N ARG C 57 22.62 -11.63 22.80
CA ARG C 57 21.98 -11.40 24.09
C ARG C 57 20.48 -11.70 24.03
N GLY C 58 20.01 -12.37 22.98
CA GLY C 58 18.63 -12.75 22.87
C GLY C 58 17.96 -12.16 21.64
N PRO C 59 16.67 -12.43 21.48
CA PRO C 59 15.94 -11.96 20.30
C PRO C 59 15.43 -10.53 20.42
N ILE C 60 15.48 -9.82 19.29
N ILE C 60 15.47 -9.82 19.31
CA ILE C 60 14.94 -8.48 19.13
CA ILE C 60 14.88 -8.49 19.22
C ILE C 60 13.94 -8.50 17.98
C ILE C 60 13.99 -8.43 17.99
N LYS C 61 12.86 -7.74 18.12
CA LYS C 61 11.83 -7.67 17.08
C LYS C 61 11.72 -6.22 16.61
N PHE C 62 11.92 -6.01 15.32
CA PHE C 62 11.67 -4.71 14.68
C PHE C 62 10.31 -4.78 14.01
N ASN C 63 9.34 -4.04 14.56
CA ASN C 63 8.01 -3.94 13.95
C ASN C 63 8.07 -2.84 12.90
N VAL C 64 8.23 -3.23 11.64
CA VAL C 64 8.51 -2.29 10.56
C VAL C 64 7.20 -1.85 9.92
N TRP C 65 6.97 -0.54 9.91
CA TRP C 65 5.76 0.04 9.33
C TRP C 65 6.00 0.36 7.85
N ASP C 66 5.34 -0.37 6.97
CA ASP C 66 5.42 -0.15 5.53
C ASP C 66 4.14 0.51 5.04
N THR C 67 4.28 1.58 4.27
CA THR C 67 3.12 2.29 3.75
C THR C 67 2.39 1.42 2.72
N ALA C 68 1.20 1.90 2.34
CA ALA C 68 0.45 1.35 1.22
C ALA C 68 0.51 2.29 0.01
N GLY C 69 1.59 3.05 -0.11
CA GLY C 69 1.81 3.91 -1.25
C GLY C 69 1.36 5.35 -1.09
N GLN C 70 0.86 5.73 0.08
CA GLN C 70 0.32 7.08 0.24
C GLN C 70 1.40 8.14 0.05
N GLU C 71 2.67 7.80 0.31
CA GLU C 71 3.74 8.78 0.21
C GLU C 71 3.85 9.38 -1.20
N LYS C 72 3.29 8.72 -2.20
CA LYS C 72 3.39 9.24 -3.57
C LYS C 72 2.59 10.50 -3.78
N PHE C 73 1.57 10.76 -2.95
CA PHE C 73 0.62 11.83 -3.18
C PHE C 73 0.66 12.92 -2.12
N GLY C 74 1.43 12.75 -1.06
CA GLY C 74 1.55 13.76 -0.04
C GLY C 74 2.29 13.21 1.16
N GLY C 75 2.26 13.99 2.24
CA GLY C 75 2.87 13.55 3.48
C GLY C 75 2.05 12.48 4.17
N LEU C 76 2.68 11.82 5.14
CA LEU C 76 2.03 10.78 5.92
C LEU C 76 1.45 11.38 7.20
N ARG C 77 0.38 10.76 7.69
CA ARG C 77 -0.31 11.26 8.86
C ARG C 77 0.48 10.98 10.14
N ASP C 78 0.16 11.77 11.17
CA ASP C 78 0.89 11.68 12.44
C ASP C 78 0.87 10.25 12.99
N GLY C 79 -0.29 9.58 12.93
CA GLY C 79 -0.41 8.25 13.50
C GLY C 79 0.62 7.28 12.96
N TYR C 80 1.07 7.48 11.72
CA TYR C 80 2.10 6.62 11.16
C TYR C 80 3.40 6.74 11.95
N TYR C 81 3.76 7.96 12.36
CA TYR C 81 5.01 8.21 13.05
C TYR C 81 4.92 8.00 14.56
N ILE C 82 3.71 8.03 15.12
CA ILE C 82 3.56 8.07 16.57
C ILE C 82 4.22 6.84 17.21
N GLN C 83 5.04 7.10 18.24
CA GLN C 83 5.73 6.09 19.03
C GLN C 83 6.79 5.34 18.25
N ALA C 84 7.19 5.84 17.09
CA ALA C 84 8.33 5.24 16.40
C ALA C 84 9.58 5.39 17.26
N GLN C 85 10.33 4.30 17.39
CA GLN C 85 11.55 4.29 18.19
C GLN C 85 12.81 4.26 17.34
N CYS C 86 12.68 4.12 16.02
CA CYS C 86 13.82 4.09 15.10
C CYS C 86 13.23 4.16 13.69
N ALA C 87 14.11 4.41 12.72
CA ALA C 87 13.63 4.66 11.36
C ALA C 87 14.70 4.30 10.35
N ILE C 88 14.23 3.94 9.15
CA ILE C 88 15.08 3.83 7.96
C ILE C 88 14.52 4.79 6.92
N ILE C 89 15.37 5.68 6.42
CA ILE C 89 15.04 6.56 5.30
C ILE C 89 15.71 5.95 4.06
N MET C 90 14.91 5.65 3.05
CA MET C 90 15.41 5.01 1.84
C MET C 90 15.30 5.97 0.66
N PHE C 91 16.28 5.90 -0.23
CA PHE C 91 16.21 6.53 -1.54
C PHE C 91 16.71 5.52 -2.58
N ASP C 92 16.66 5.94 -3.84
CA ASP C 92 17.02 5.09 -4.98
C ASP C 92 18.25 5.69 -5.64
N VAL C 93 19.33 4.90 -5.71
CA VAL C 93 20.59 5.42 -6.26
C VAL C 93 20.54 5.63 -7.76
N THR C 94 19.44 5.23 -8.42
CA THR C 94 19.24 5.52 -9.83
C THR C 94 18.33 6.72 -10.07
N SER C 95 17.89 7.38 -9.00
CA SER C 95 17.01 8.55 -9.10
C SER C 95 17.52 9.62 -8.15
N ARG C 96 18.13 10.67 -8.70
CA ARG C 96 18.69 11.72 -7.86
C ARG C 96 17.61 12.45 -7.07
N VAL C 97 16.41 12.57 -7.63
CA VAL C 97 15.35 13.30 -6.95
C VAL C 97 15.02 12.65 -5.62
N THR C 98 15.08 11.31 -5.57
CA THR C 98 14.74 10.61 -4.32
C THR C 98 15.73 10.96 -3.23
N TYR C 99 17.01 11.12 -3.59
CA TYR C 99 17.98 11.58 -2.60
C TYR C 99 17.72 13.04 -2.22
N LYS C 100 17.40 13.88 -3.20
CA LYS C 100 17.11 15.29 -2.92
C LYS C 100 16.01 15.44 -1.87
N ASN C 101 15.06 14.51 -1.83
CA ASN C 101 13.94 14.59 -0.91
C ASN C 101 14.26 13.99 0.46
N VAL C 102 15.45 13.43 0.67
CA VAL C 102 15.80 12.87 1.96
C VAL C 102 15.64 13.89 3.09
N PRO C 103 16.12 15.13 2.95
CA PRO C 103 15.97 16.10 4.06
C PRO C 103 14.52 16.37 4.44
N ASN C 104 13.59 16.27 3.48
CA ASN C 104 12.18 16.44 3.82
C ASN C 104 11.69 15.31 4.70
N TRP C 105 12.00 14.07 4.33
CA TRP C 105 11.63 12.93 5.17
C TRP C 105 12.24 13.04 6.55
N HIS C 106 13.53 13.41 6.62
CA HIS C 106 14.17 13.58 7.91
C HIS C 106 13.46 14.62 8.76
N ARG C 107 13.12 15.76 8.15
CA ARG C 107 12.41 16.81 8.88
C ARG C 107 11.08 16.30 9.43
N ASP C 108 10.26 15.69 8.56
CA ASP C 108 8.98 15.16 9.02
C ASP C 108 9.16 14.16 10.15
N LEU C 109 10.25 13.38 10.11
CA LEU C 109 10.49 12.38 11.15
C LEU C 109 10.75 13.03 12.49
N VAL C 110 11.75 13.91 12.56
CA VAL C 110 12.14 14.49 13.84
C VAL C 110 11.09 15.44 14.38
N ARG C 111 10.17 15.91 13.54
CA ARG C 111 9.07 16.73 14.03
C ARG C 111 8.22 15.95 15.02
N VAL C 112 7.96 14.67 14.74
CA VAL C 112 7.04 13.87 15.54
C VAL C 112 7.81 13.03 16.56
N CYS C 113 9.01 12.57 16.19
CA CYS C 113 9.74 11.58 16.98
C CYS C 113 11.02 12.11 17.61
N GLU C 114 11.44 13.32 17.27
CA GLU C 114 12.68 13.88 17.82
C GLU C 114 13.87 13.01 17.37
N ASN C 115 14.87 12.86 18.22
CA ASN C 115 16.18 12.35 17.80
C ASN C 115 16.26 10.83 17.94
N ILE C 116 15.34 10.10 17.31
CA ILE C 116 15.41 8.64 17.32
C ILE C 116 16.55 8.24 16.39
N PRO C 117 17.18 7.08 16.59
CA PRO C 117 18.23 6.65 15.66
C PRO C 117 17.64 6.34 14.28
N ILE C 118 18.31 6.86 13.26
CA ILE C 118 17.87 6.74 11.87
C ILE C 118 19.01 6.20 11.03
N VAL C 119 18.70 5.28 10.12
CA VAL C 119 19.67 4.79 9.14
C VAL C 119 19.22 5.25 7.76
N LEU C 120 20.16 5.79 6.98
CA LEU C 120 19.92 6.19 5.60
C LEU C 120 20.38 5.08 4.67
N CYS C 121 19.51 4.68 3.74
CA CYS C 121 19.77 3.54 2.87
C CYS C 121 19.60 3.96 1.42
N GLY C 122 20.65 3.75 0.62
CA GLY C 122 20.58 3.93 -0.82
C GLY C 122 20.36 2.60 -1.51
N ASN C 123 19.19 2.42 -2.12
CA ASN C 123 18.75 1.13 -2.63
C ASN C 123 19.01 1.00 -4.12
N LYS C 124 19.00 -0.26 -4.59
CA LYS C 124 19.13 -0.63 -5.99
C LYS C 124 20.55 -0.50 -6.52
N VAL C 125 21.56 -0.78 -5.68
CA VAL C 125 22.95 -0.71 -6.14
C VAL C 125 23.30 -1.89 -7.01
N ASP C 126 22.38 -2.83 -7.19
CA ASP C 126 22.61 -3.90 -8.15
C ASP C 126 22.55 -3.40 -9.59
N ILE C 127 21.96 -2.23 -9.81
CA ILE C 127 21.84 -1.68 -11.16
C ILE C 127 23.17 -1.02 -11.55
N LYS C 128 23.71 -1.44 -12.70
CA LYS C 128 25.05 -0.98 -13.08
C LYS C 128 25.10 0.53 -13.25
N ASP C 129 24.07 1.11 -13.86
CA ASP C 129 24.07 2.55 -14.17
C ASP C 129 23.61 3.32 -12.93
N ARG C 130 24.55 3.52 -12.01
CA ARG C 130 24.28 4.19 -10.75
C ARG C 130 24.42 5.70 -10.91
N LYS C 131 23.42 6.45 -10.43
CA LYS C 131 23.39 7.90 -10.56
C LYS C 131 23.89 8.61 -9.31
N VAL C 132 23.51 8.14 -8.13
CA VAL C 132 23.88 8.78 -6.87
C VAL C 132 25.01 7.95 -6.26
N LYS C 133 26.22 8.47 -6.34
CA LYS C 133 27.41 7.74 -5.91
C LYS C 133 27.89 8.23 -4.55
N ALA C 134 28.81 7.44 -3.96
CA ALA C 134 29.24 7.68 -2.59
C ALA C 134 29.64 9.14 -2.36
N LYS C 135 30.33 9.74 -3.33
CA LYS C 135 30.83 11.10 -3.12
C LYS C 135 29.69 12.09 -2.86
N SER C 136 28.51 11.86 -3.46
CA SER C 136 27.38 12.76 -3.30
C SER C 136 26.58 12.49 -2.03
N ILE C 137 26.79 11.37 -1.37
CA ILE C 137 25.95 10.94 -0.25
C ILE C 137 26.57 11.50 1.02
N VAL C 138 26.01 12.61 1.51
CA VAL C 138 26.62 13.36 2.61
C VAL C 138 25.60 13.80 3.66
N PHE C 139 24.31 13.56 3.42
CA PHE C 139 23.30 14.02 4.37
C PHE C 139 23.45 13.33 5.72
N HIS C 140 23.98 12.12 5.74
CA HIS C 140 24.11 11.40 7.00
C HIS C 140 25.24 11.96 7.86
N ARG C 141 26.33 12.40 7.22
CA ARG C 141 27.45 12.96 7.98
C ARG C 141 27.02 14.18 8.78
N LYS C 142 26.08 14.97 8.25
CA LYS C 142 25.67 16.21 8.89
C LYS C 142 24.77 15.99 10.10
N LYS C 143 24.14 14.81 10.21
CA LYS C 143 22.99 14.65 11.10
C LYS C 143 23.14 13.48 12.08
N ASN C 144 24.36 12.97 12.28
CA ASN C 144 24.56 11.80 13.14
C ASN C 144 23.70 10.62 12.70
N LEU C 145 23.77 10.32 11.40
CA LEU C 145 23.08 9.17 10.82
C LEU C 145 24.11 8.18 10.28
N GLN C 146 23.72 6.91 10.22
CA GLN C 146 24.51 5.89 9.55
C GLN C 146 23.97 5.67 8.15
N TYR C 147 24.87 5.39 7.21
CA TYR C 147 24.50 5.12 5.83
C TYR C 147 24.95 3.73 5.41
N TYR C 148 24.16 3.10 4.54
CA TYR C 148 24.53 1.85 3.91
C TYR C 148 23.97 1.80 2.49
N ASP C 149 24.78 1.29 1.57
CA ASP C 149 24.26 0.81 0.31
C ASP C 149 23.45 -0.46 0.55
N ILE C 150 22.38 -0.62 -0.23
N ILE C 150 22.34 -0.61 -0.19
CA ILE C 150 21.45 -1.73 -0.12
CA ILE C 150 21.56 -1.83 -0.12
C ILE C 150 21.01 -2.16 -1.51
C ILE C 150 21.03 -2.18 -1.49
N SER C 151 20.73 -3.46 -1.67
CA SER C 151 20.04 -3.97 -2.87
C SER C 151 18.98 -4.94 -2.34
N ALA C 152 17.74 -4.46 -2.23
CA ALA C 152 16.67 -5.29 -1.70
C ALA C 152 16.52 -6.59 -2.49
N LYS C 153 16.63 -6.51 -3.81
CA LYS C 153 16.37 -7.69 -4.63
C LYS C 153 17.45 -8.75 -4.51
N SER C 154 18.64 -8.39 -4.05
CA SER C 154 19.72 -9.35 -3.88
C SER C 154 20.05 -9.63 -2.42
N ASN C 155 19.32 -9.03 -1.49
CA ASN C 155 19.57 -9.14 -0.05
C ASN C 155 20.90 -8.51 0.38
N TYR C 156 21.54 -7.73 -0.49
CA TYR C 156 22.84 -7.16 -0.17
C TYR C 156 22.74 -6.19 1.00
N ASN C 157 23.56 -6.42 2.03
CA ASN C 157 23.61 -5.60 3.24
C ASN C 157 22.27 -5.54 3.96
N PHE C 158 21.40 -6.55 3.78
CA PHE C 158 20.07 -6.49 4.38
C PHE C 158 20.13 -6.26 5.89
N GLU C 159 21.03 -6.98 6.58
CA GLU C 159 21.03 -6.95 8.03
C GLU C 159 21.64 -5.69 8.61
N LYS C 160 22.41 -4.93 7.81
CA LYS C 160 23.24 -3.88 8.39
C LYS C 160 22.42 -2.76 9.01
N PRO C 161 21.38 -2.22 8.35
CA PRO C 161 20.57 -1.19 9.04
C PRO C 161 20.06 -1.65 10.39
N PHE C 162 19.65 -2.92 10.48
CA PHE C 162 19.05 -3.41 11.71
C PHE C 162 20.09 -3.64 12.80
N LEU C 163 21.28 -4.11 12.43
CA LEU C 163 22.34 -4.30 13.41
C LEU C 163 22.77 -2.97 14.02
N TRP C 164 22.92 -1.94 13.18
CA TRP C 164 23.32 -0.63 13.69
C TRP C 164 22.26 -0.06 14.63
N LEU C 165 20.99 -0.15 14.22
CA LEU C 165 19.91 0.33 15.08
C LEU C 165 19.87 -0.45 16.38
N ALA C 166 20.03 -1.77 16.33
CA ALA C 166 19.99 -2.57 17.54
C ALA C 166 21.08 -2.14 18.51
N ARG C 167 22.29 -1.88 18.00
CA ARG C 167 23.37 -1.43 18.86
C ARG C 167 23.06 -0.08 19.49
N LYS C 168 22.46 0.83 18.71
CA LYS C 168 22.11 2.14 19.24
C LYS C 168 21.03 2.03 20.31
N LEU C 169 20.01 1.20 20.08
CA LEU C 169 18.87 1.14 20.98
C LEU C 169 19.21 0.42 22.28
N ILE C 170 20.01 -0.64 22.19
CA ILE C 170 20.40 -1.39 23.38
C ILE C 170 21.57 -0.72 24.11
N GLY C 171 22.36 0.08 23.41
CA GLY C 171 23.53 0.68 24.01
C GLY C 171 24.67 -0.31 24.18
N ASP C 172 24.90 -1.14 23.16
CA ASP C 172 25.93 -2.18 23.22
C ASP C 172 26.64 -2.23 21.87
N PRO C 173 27.80 -1.58 21.74
CA PRO C 173 28.50 -1.59 20.43
C PRO C 173 29.00 -2.96 20.03
N ASN C 174 29.01 -3.94 20.94
CA ASN C 174 29.48 -5.28 20.63
C ASN C 174 28.34 -6.25 20.32
N LEU C 175 27.10 -5.76 20.25
CA LEU C 175 25.97 -6.61 19.91
C LEU C 175 26.18 -7.24 18.53
N GLU C 176 25.91 -8.53 18.43
CA GLU C 176 26.04 -9.26 17.18
C GLU C 176 24.75 -10.02 16.89
N PHE C 177 24.52 -10.29 15.61
CA PHE C 177 23.51 -11.26 15.20
C PHE C 177 24.19 -12.62 15.08
N VAL C 178 23.66 -13.63 15.78
CA VAL C 178 24.29 -14.94 15.74
C VAL C 178 23.98 -15.67 14.44
N ALA C 179 22.96 -15.24 13.70
CA ALA C 179 22.64 -15.85 12.42
C ALA C 179 21.77 -14.88 11.63
N MET C 180 21.87 -14.99 10.30
CA MET C 180 21.02 -14.19 9.43
C MET C 180 19.59 -14.69 9.48
N PRO C 181 18.61 -13.80 9.38
CA PRO C 181 17.22 -14.25 9.27
C PRO C 181 16.98 -14.95 7.94
N ALA C 182 15.94 -15.76 7.91
CA ALA C 182 15.56 -16.45 6.68
C ALA C 182 15.01 -15.43 5.69
N LEU C 183 15.66 -15.31 4.53
CA LEU C 183 15.32 -14.30 3.55
C LEU C 183 14.89 -14.95 2.24
N ALA C 184 14.00 -14.26 1.53
CA ALA C 184 13.62 -14.70 0.19
C ALA C 184 14.88 -14.80 -0.68
N PRO C 185 14.99 -15.84 -1.50
CA PRO C 185 16.23 -16.03 -2.26
C PRO C 185 16.44 -14.88 -3.23
N PRO C 186 17.69 -14.49 -3.46
CA PRO C 186 17.95 -13.32 -4.32
C PRO C 186 17.34 -13.49 -5.70
N GLU C 187 16.65 -12.44 -6.16
CA GLU C 187 16.11 -12.41 -7.51
C GLU C 187 17.11 -11.90 -8.53
N VAL C 188 18.05 -11.06 -8.12
CA VAL C 188 19.15 -10.61 -8.96
C VAL C 188 20.46 -10.91 -8.22
N VAL C 189 21.54 -10.96 -9.00
CA VAL C 189 22.87 -11.15 -8.44
C VAL C 189 23.49 -9.78 -8.17
N MET C 190 24.13 -9.65 -7.03
CA MET C 190 24.94 -8.48 -6.70
C MET C 190 26.39 -8.86 -6.98
N ASP C 191 27.00 -8.23 -7.96
CA ASP C 191 28.37 -8.55 -8.34
C ASP C 191 29.30 -8.34 -7.15
N PRO C 192 30.03 -9.36 -6.68
CA PRO C 192 30.92 -9.14 -5.53
C PRO C 192 31.98 -8.08 -5.79
N ALA C 193 32.46 -7.95 -7.02
CA ALA C 193 33.46 -6.91 -7.31
C ALA C 193 32.85 -5.52 -7.22
N LEU C 194 31.62 -5.36 -7.71
CA LEU C 194 30.95 -4.07 -7.58
C LEU C 194 30.71 -3.74 -6.11
N ALA C 195 30.28 -4.72 -5.33
CA ALA C 195 30.07 -4.48 -3.90
C ALA C 195 31.36 -4.03 -3.22
N ALA C 196 32.47 -4.70 -3.53
CA ALA C 196 33.76 -4.27 -2.96
C ALA C 196 34.11 -2.87 -3.40
N GLN C 197 33.92 -2.56 -4.68
N GLN C 197 33.93 -2.56 -4.68
CA GLN C 197 34.25 -1.22 -5.18
CA GLN C 197 34.25 -1.22 -5.18
C GLN C 197 33.40 -0.15 -4.50
C GLN C 197 33.41 -0.17 -4.46
N TYR C 198 32.10 -0.40 -4.36
CA TYR C 198 31.23 0.57 -3.70
C TYR C 198 31.61 0.73 -2.23
N GLU C 199 31.88 -0.39 -1.53
CA GLU C 199 32.31 -0.30 -0.14
C GLU C 199 33.60 0.49 -0.01
N HIS C 200 34.48 0.40 -1.01
CA HIS C 200 35.70 1.21 -1.01
C HIS C 200 35.37 2.68 -1.24
N ASP C 201 34.44 2.97 -2.15
CA ASP C 201 34.11 4.36 -2.43
C ASP C 201 33.52 5.05 -1.21
N LEU C 202 32.73 4.33 -0.40
CA LEU C 202 32.17 4.93 0.80
C LEU C 202 33.25 5.20 1.84
N GLU C 203 34.32 4.40 1.85
CA GLU C 203 35.40 4.63 2.81
C GLU C 203 36.18 5.88 2.48
N VAL C 204 36.63 6.02 1.22
CA VAL C 204 37.46 7.16 0.85
C VAL C 204 36.66 8.45 0.98
N ALA C 205 35.38 8.43 0.63
CA ALA C 205 34.56 9.61 0.80
C ALA C 205 34.49 10.02 2.27
N GLN C 206 34.50 9.05 3.18
CA GLN C 206 34.50 9.36 4.60
C GLN C 206 35.81 9.98 5.03
N THR C 207 36.93 9.47 4.51
CA THR C 207 38.23 10.03 4.88
C THR C 207 38.35 11.48 4.41
N THR C 208 37.91 11.76 3.18
CA THR C 208 37.93 13.13 2.66
C THR C 208 36.97 14.00 3.46
N GLY D 4 26.27 -11.95 27.63
CA GLY D 4 25.37 -12.73 26.82
C GLY D 4 24.26 -13.35 27.67
N SER D 5 24.51 -14.54 28.19
CA SER D 5 23.59 -15.12 29.17
C SER D 5 23.51 -14.24 30.42
N ARG D 6 24.67 -13.79 30.91
CA ARG D 6 24.67 -12.90 32.07
C ARG D 6 24.00 -11.58 31.76
N PHE D 7 24.00 -11.15 30.51
CA PHE D 7 23.42 -9.87 30.09
C PHE D 7 22.28 -10.10 29.11
N ALA D 8 21.47 -11.13 29.35
CA ALA D 8 20.30 -11.36 28.51
C ALA D 8 19.41 -10.14 28.53
N LEU D 9 18.93 -9.75 27.35
CA LEU D 9 18.11 -8.54 27.25
C LEU D 9 16.90 -8.65 28.15
N VAL D 10 16.60 -7.56 28.84
CA VAL D 10 15.57 -7.57 29.89
C VAL D 10 14.20 -7.39 29.25
N THR D 11 13.26 -8.24 29.64
CA THR D 11 11.89 -8.09 29.17
C THR D 11 11.28 -6.82 29.76
N PRO D 12 10.54 -6.04 28.96
CA PRO D 12 9.84 -4.88 29.52
C PRO D 12 8.80 -5.31 30.54
N LYS D 13 8.61 -4.47 31.57
CA LYS D 13 7.64 -4.72 32.62
C LYS D 13 6.35 -3.99 32.27
N LYS D 14 5.39 -4.72 31.73
CA LYS D 14 4.07 -4.19 31.45
C LYS D 14 3.20 -4.35 32.69
N GLU D 15 2.87 -3.23 33.34
CA GLU D 15 1.94 -3.21 34.46
C GLU D 15 0.79 -2.30 34.04
N GLY D 16 -0.27 -2.90 33.50
CA GLY D 16 -1.33 -2.15 32.87
C GLY D 16 -1.00 -1.67 31.47
N HIS D 17 0.25 -1.79 31.04
CA HIS D 17 0.62 -1.44 29.68
C HIS D 17 0.21 -2.56 28.74
N TRP D 18 -0.46 -2.20 27.64
CA TRP D 18 -1.03 -3.17 26.71
C TRP D 18 -0.51 -2.91 25.30
N ASP D 19 -0.17 -4.00 24.61
CA ASP D 19 0.26 -3.94 23.22
C ASP D 19 -0.97 -3.98 22.31
N CYS D 20 -1.11 -2.97 21.46
CA CYS D 20 -2.24 -2.94 20.53
C CYS D 20 -2.19 -4.16 19.62
N SER D 21 -3.29 -4.91 19.58
CA SER D 21 -3.33 -6.13 18.77
C SER D 21 -3.36 -5.84 17.28
N ILE D 22 -3.66 -4.60 16.89
CA ILE D 22 -3.72 -4.25 15.47
C ILE D 22 -2.36 -3.83 14.94
N CYS D 23 -1.70 -2.89 15.60
CA CYS D 23 -0.48 -2.29 15.09
C CYS D 23 0.74 -2.53 15.97
N LEU D 24 0.58 -3.17 17.13
CA LEU D 24 1.65 -3.61 18.01
C LEU D 24 2.32 -2.48 18.79
N VAL D 25 1.74 -1.29 18.82
CA VAL D 25 2.29 -0.21 19.63
C VAL D 25 1.95 -0.45 21.10
N ARG D 26 2.86 -0.06 21.97
CA ARG D 26 2.68 -0.16 23.42
C ARG D 26 1.95 1.08 23.92
N ASN D 27 0.88 0.87 24.68
CA ASN D 27 0.05 1.97 25.16
C ASN D 27 0.04 2.00 26.69
N GLU D 28 -0.15 3.19 27.23
CA GLU D 28 -0.16 3.38 28.68
C GLU D 28 -1.42 2.76 29.28
N PRO D 29 -1.41 2.50 30.59
CA PRO D 29 -2.60 1.91 31.23
C PRO D 29 -3.83 2.80 31.17
N THR D 30 -3.63 4.12 31.22
CA THR D 30 -4.78 5.03 31.31
C THR D 30 -5.65 4.98 30.07
N VAL D 31 -5.04 4.97 28.88
CA VAL D 31 -5.79 5.07 27.64
C VAL D 31 -6.47 3.74 27.33
N SER D 32 -7.61 3.83 26.67
CA SER D 32 -8.35 2.67 26.18
C SER D 32 -8.29 2.55 24.65
N ARG D 33 -7.68 3.51 23.98
CA ARG D 33 -7.65 3.59 22.52
C ARG D 33 -6.21 3.83 22.08
N CYS D 34 -5.76 3.05 21.10
CA CYS D 34 -4.36 3.11 20.69
C CYS D 34 -4.01 4.50 20.15
N ILE D 35 -2.91 5.07 20.67
CA ILE D 35 -2.53 6.43 20.32
C ILE D 35 -2.03 6.57 18.90
N ALA D 36 -1.77 5.47 18.20
CA ALA D 36 -1.29 5.50 16.83
C ALA D 36 -2.39 5.20 15.82
N CYS D 37 -2.97 4.00 15.89
CA CYS D 37 -3.96 3.57 14.91
C CYS D 37 -5.40 3.85 15.34
N GLN D 38 -5.62 4.26 16.59
CA GLN D 38 -6.92 4.68 17.09
C GLN D 38 -7.94 3.55 17.14
N ASN D 39 -7.48 2.30 17.23
CA ASN D 39 -8.37 1.19 17.51
C ASN D 39 -8.52 1.03 19.02
N THR D 40 -9.72 0.63 19.45
CA THR D 40 -9.97 0.45 20.87
C THR D 40 -9.31 -0.83 21.38
N LYS D 41 -8.91 -0.81 22.64
CA LYS D 41 -8.15 -1.90 23.24
C LYS D 41 -8.78 -3.25 22.93
N SER D 42 -7.97 -4.17 22.44
CA SER D 42 -8.42 -5.52 22.13
C SER D 42 -7.28 -6.53 22.28
PB GDP E . -21.92 -7.78 -16.51
O1B GDP E . -21.41 -8.03 -15.12
O2B GDP E . -21.85 -9.06 -17.32
O3B GDP E . -21.08 -6.71 -17.17
O3A GDP E . -23.46 -7.27 -16.42
PA GDP E . -24.14 -6.21 -17.48
O1A GDP E . -23.65 -4.81 -17.20
O2A GDP E . -23.82 -6.61 -18.92
O5' GDP E . -25.79 -6.29 -17.26
C5' GDP E . -26.34 -7.59 -17.20
C4' GDP E . -27.90 -7.41 -17.15
O4' GDP E . -28.22 -6.84 -15.74
C3' GDP E . -28.28 -6.55 -18.00
O3' GDP E . -29.57 -6.96 -18.59
C2' GDP E . -28.46 -5.12 -17.18
O2' GDP E . -29.46 -4.29 -17.82
C1' GDP E . -28.91 -5.50 -16.04
N9 GDP E . -28.74 -4.54 -14.89
C8 GDP E . -27.45 -4.13 -14.74
N7 GDP E . -27.41 -3.29 -13.68
C5 GDP E . -28.66 -3.19 -13.20
C6 GDP E . -29.30 -2.41 -12.04
O6 GDP E . -28.63 -1.70 -11.34
N1 GDP E . -30.71 -2.52 -11.79
C2 GDP E . -31.53 -3.37 -12.63
N2 GDP E . -32.96 -3.55 -12.44
N3 GDP E . -30.90 -4.10 -13.72
C4 GDP E . -29.45 -3.97 -13.97
H5' GDP E . -26.03 -8.04 -16.41
H5'' GDP E . -26.08 -8.08 -18.00
H4' GDP E . -28.36 -8.26 -17.30
H3' GDP E . -27.61 -6.45 -18.69
HO3' GDP E . -29.52 -6.97 -19.43
H2' GDP E . -27.61 -4.66 -17.13
HO2' GDP E . -29.07 -3.76 -18.36
H1' GDP E . -29.86 -5.67 -16.15
H8 GDP E . -26.72 -4.38 -15.27
HN1 GDP E . -31.07 -2.10 -11.14
HN21 GDP E . -33.40 -4.07 -12.97
HN22 GDP E . -33.37 -3.14 -11.80
MG MG F . -19.82 -6.80 -18.80
ZN ZN G . -0.49 -1.78 -21.57
PB GDP H . 8.16 1.53 -2.66
O1B GDP H . 7.48 0.57 -1.71
O2B GDP H . 7.11 2.38 -3.35
O3B GDP H . 9.13 2.41 -1.91
O3A GDP H . 8.99 0.69 -3.78
PA GDP H . 8.63 -0.86 -4.20
O1A GDP H . 7.14 -1.03 -4.42
O2A GDP H . 9.14 -1.81 -3.14
O5' GDP H . 9.43 -1.14 -5.64
C5' GDP H . 9.36 -0.11 -6.60
C4' GDP H . 10.01 -0.67 -7.93
O4' GDP H . 11.55 -0.74 -7.66
C3' GDP H . 9.63 -1.86 -8.13
O3' GDP H . 9.49 -2.10 -9.59
C2' GDP H . 10.80 -2.85 -7.52
O2' GDP H . 10.77 -4.13 -8.21
C1' GDP H . 11.88 -2.24 -7.81
N9 GDP H . 13.12 -2.56 -7.01
C8 GDP H . 12.88 -2.48 -5.67
N7 GDP H . 14.03 -2.78 -5.03
C5 GDP H . 14.96 -3.03 -5.95
C6 GDP H . 16.45 -3.41 -5.88
O6 GDP H . 16.99 -3.54 -4.82
N1 GDP H . 17.19 -3.59 -7.09
C2 GDP H . 16.55 -3.43 -8.36
N2 GDP H . 17.25 -3.61 -9.64
N3 GDP H . 15.13 -3.07 -8.42
C4 GDP H . 14.38 -2.88 -7.16
H5' GDP H . 8.44 0.13 -6.75
H5'' GDP H . 9.87 0.66 -6.28
H4' GDP H . 9.81 -0.11 -8.68
H3' GDP H . 8.77 -2.02 -7.69
HO3' GDP H . 8.73 -2.40 -9.76
H2' GDP H . 10.66 -2.98 -6.57
HO2' GDP H . 10.51 -4.74 -7.68
H1' GDP H . 12.08 -2.42 -8.74
H8 GDP H . 12.06 -2.28 -5.27
HN1 GDP H . 18.02 -3.81 -7.05
HN21 GDP H . 16.83 -3.51 -10.38
HN22 GDP H . 18.08 -3.82 -9.64
MG MG I . 5.55 0.36 -0.95
ZN ZN J . -2.58 0.38 17.34
#